data_9FT9
#
_entry.id   9FT9
#
_cell.length_a   137.700
_cell.length_b   137.700
_cell.length_c   63.950
_cell.angle_alpha   90.000
_cell.angle_beta   90.000
_cell.angle_gamma   120.000
#
_symmetry.space_group_name_H-M   'P 31 2 1'
#
loop_
_entity.id
_entity.type
_entity.pdbx_description
1 polymer 'Isoform 1 of Mitogen-activated protein kinase 8'
2 polymer 'C-Jun-amino-terminal kinase-interacting protein 1'
3 non-polymer 'PHOSPHOAMINOPHOSPHONIC ACID-ADENYLATE ESTER'
4 water water
#
loop_
_entity_poly.entity_id
_entity_poly.type
_entity_poly.pdbx_seq_one_letter_code
_entity_poly.pdbx_strand_id
1 'polypeptide(L)'
;KRDNNFYSVEIGDSTFTVLKRYQNLKPIGSGAQGIVCAAYDAILERNVAIKKLSRPFQNQTHAKRAYRELVLMKCVNHKN
IIGLLNVFTPQKSLEEFQDVYIVMELMDANLCQVIQMELDHERMSYLLYQMLCGIKHLHSAGIIHRDLKPSNIVVKSDCT
LKILDFGLARTAGTSFMMTPYVVTRYYRAPEVILGMGYKENVDLWSVGCIMGEMVCHKILFPGRDYIDQWNKVIEQLGTP
CPEFMKKLQPTVRTYVENRPKYAGYSFEKLFPDVLFPADSEHNKLKASQARDLLSKMLVIDASKRISVDEALQHPYINVW
YDPSEAEAPPPKIPDKQLDEREHTIEEWKELIYKEVMDLE
;
A
2 'polypeptide(L)' RPKRPTTLNLFPQVPRSQDKHSWQDRVSRSICLSDELP B
#
# COMPACT_ATOMS: atom_id res chain seq x y z
N ASP A 3 -3.69 -35.13 20.70
CA ASP A 3 -4.93 -34.36 20.90
C ASP A 3 -4.72 -32.91 20.50
N ASN A 4 -3.54 -32.38 20.83
CA ASN A 4 -3.24 -30.97 20.59
C ASN A 4 -2.59 -30.79 19.22
N ASN A 5 -3.27 -30.03 18.36
CA ASN A 5 -2.85 -29.81 16.98
C ASN A 5 -1.92 -28.63 16.81
N PHE A 6 -1.57 -27.95 17.90
CA PHE A 6 -0.73 -26.77 17.83
C PHE A 6 0.56 -26.99 18.60
N TYR A 7 1.64 -26.58 17.99
CA TYR A 7 2.91 -26.43 18.66
C TYR A 7 3.29 -24.95 18.63
N SER A 8 4.13 -24.56 19.59
CA SER A 8 4.44 -23.17 19.88
C SER A 8 5.93 -22.93 19.63
N VAL A 9 6.25 -22.15 18.61
CA VAL A 9 7.61 -21.75 18.31
C VAL A 9 7.88 -20.41 18.97
N GLU A 10 9.12 -20.17 19.35
CA GLU A 10 9.57 -18.87 19.83
C GLU A 10 10.32 -18.15 18.71
N ILE A 11 9.96 -16.90 18.45
CA ILE A 11 10.63 -16.06 17.46
C ILE A 11 10.97 -14.74 18.15
N GLY A 12 12.15 -14.68 18.77
CA GLY A 12 12.46 -13.49 19.55
C GLY A 12 11.43 -13.30 20.66
N ASP A 13 10.85 -12.09 20.72
CA ASP A 13 9.85 -11.77 21.74
C ASP A 13 8.62 -12.65 21.63
N SER A 14 8.03 -12.68 20.44
CA SER A 14 6.70 -13.21 20.28
C SER A 14 6.73 -14.73 20.14
N THR A 15 5.65 -15.37 20.60
CA THR A 15 5.48 -16.81 20.50
C THR A 15 4.42 -17.10 19.45
N PHE A 16 4.79 -17.87 18.43
CA PHE A 16 3.83 -18.33 17.44
C PHE A 16 3.29 -19.69 17.85
N THR A 17 1.99 -19.78 18.02
CA THR A 17 1.34 -21.07 18.23
C THR A 17 0.58 -21.37 16.96
N VAL A 18 1.03 -22.37 16.22
CA VAL A 18 0.55 -22.62 14.88
C VAL A 18 0.26 -24.10 14.71
N LEU A 19 -0.56 -24.41 13.70
CA LEU A 19 -0.88 -25.79 13.38
C LEU A 19 0.39 -26.55 13.03
N LYS A 20 0.34 -27.86 13.28
CA LYS A 20 1.51 -28.71 13.03
C LYS A 20 1.93 -28.67 11.55
N ARG A 21 0.99 -28.41 10.62
CA ARG A 21 1.28 -28.48 9.19
C ARG A 21 2.34 -27.46 8.77
N TYR A 22 2.53 -26.40 9.57
CA TYR A 22 3.46 -25.31 9.24
C TYR A 22 4.74 -25.52 10.01
N GLN A 23 5.81 -25.86 9.30
CA GLN A 23 7.06 -26.30 9.88
C GLN A 23 8.16 -25.30 9.57
N ASN A 24 9.15 -25.24 10.47
CA ASN A 24 10.40 -24.52 10.19
C ASN A 24 10.17 -23.02 10.01
N LEU A 25 9.40 -22.42 10.92
CA LEU A 25 9.17 -20.98 10.86
C LEU A 25 10.47 -20.20 11.00
N LYS A 26 10.59 -19.12 10.22
CA LYS A 26 11.72 -18.19 10.29
C LYS A 26 11.22 -16.79 9.96
N PRO A 27 11.81 -15.74 10.55
CA PRO A 27 11.27 -14.38 10.36
C PRO A 27 11.75 -13.73 9.07
N ILE A 28 10.84 -13.00 8.40
CA ILE A 28 11.12 -12.39 7.10
C ILE A 28 10.80 -10.88 7.04
N GLY A 29 10.08 -10.35 8.02
CA GLY A 29 9.70 -8.94 7.99
C GLY A 29 8.85 -8.59 9.20
N SER A 30 8.49 -7.30 9.28
CA SER A 30 7.78 -6.81 10.46
C SER A 30 7.11 -5.46 10.17
N GLY A 31 6.28 -5.05 11.12
CA GLY A 31 5.59 -3.79 11.03
C GLY A 31 4.84 -3.51 12.31
N ALA A 32 3.96 -2.51 12.24
CA ALA A 32 3.19 -2.10 13.40
C ALA A 32 2.47 -3.29 14.05
N GLN A 33 1.97 -4.21 13.24
CA GLN A 33 1.16 -5.32 13.73
C GLN A 33 2.00 -6.53 14.20
N GLY A 34 3.33 -6.41 14.23
CA GLY A 34 4.18 -7.47 14.74
C GLY A 34 5.10 -8.02 13.66
N ILE A 35 5.31 -9.33 13.69
CA ILE A 35 6.40 -9.97 12.97
C ILE A 35 5.81 -11.03 12.03
N VAL A 36 6.38 -11.12 10.82
CA VAL A 36 5.91 -12.04 9.80
C VAL A 36 6.94 -13.16 9.64
N CYS A 37 6.46 -14.39 9.53
CA CYS A 37 7.33 -15.55 9.39
C CYS A 37 7.08 -16.28 8.07
N ALA A 38 8.15 -16.77 7.46
CA ALA A 38 7.99 -17.77 6.40
C ALA A 38 7.87 -19.14 7.04
N ALA A 39 7.18 -20.05 6.36
CA ALA A 39 7.09 -21.41 6.87
C ALA A 39 6.85 -22.37 5.72
N TYR A 40 7.15 -23.65 5.98
CA TYR A 40 6.85 -24.72 5.06
C TYR A 40 5.54 -25.39 5.46
N ASP A 41 4.57 -25.38 4.54
CA ASP A 41 3.27 -26.04 4.75
C ASP A 41 3.34 -27.47 4.22
N ALA A 42 3.45 -28.44 5.13
CA ALA A 42 3.68 -29.83 4.75
C ALA A 42 2.52 -30.42 3.95
N ILE A 43 1.32 -29.83 4.05
CA ILE A 43 0.15 -30.35 3.33
C ILE A 43 0.12 -29.83 1.90
N LEU A 44 0.37 -28.52 1.70
CA LEU A 44 0.42 -27.94 0.35
C LEU A 44 1.79 -28.11 -0.30
N GLU A 45 2.81 -28.49 0.50
CA GLU A 45 4.19 -28.73 0.04
C GLU A 45 4.75 -27.52 -0.69
N ARG A 46 4.70 -26.37 -0.02
CA ARG A 46 5.27 -25.13 -0.51
C ARG A 46 5.43 -24.19 0.67
N ASN A 47 6.21 -23.13 0.45
CA ASN A 47 6.41 -22.10 1.45
C ASN A 47 5.22 -21.16 1.53
N VAL A 48 4.96 -20.65 2.73
CA VAL A 48 3.91 -19.69 2.96
C VAL A 48 4.43 -18.58 3.85
N ALA A 49 3.61 -17.56 4.03
CA ALA A 49 3.88 -16.49 4.97
C ALA A 49 2.82 -16.53 6.06
N ILE A 50 3.22 -16.17 7.28
CA ILE A 50 2.37 -16.29 8.46
C ILE A 50 2.48 -15.00 9.26
N LYS A 51 1.36 -14.31 9.43
CA LYS A 51 1.30 -13.06 10.15
C LYS A 51 0.52 -13.33 11.42
N LYS A 52 0.93 -12.72 12.53
CA LYS A 52 0.23 -12.89 13.80
C LYS A 52 -0.32 -11.56 14.29
N LEU A 53 -1.61 -11.52 14.56
CA LEU A 53 -2.24 -10.40 15.24
C LEU A 53 -2.50 -10.81 16.68
N SER A 54 -1.77 -10.22 17.62
CA SER A 54 -1.93 -10.55 19.02
C SER A 54 -2.89 -9.54 19.66
N ARG A 55 -3.86 -10.07 20.44
CA ARG A 55 -4.95 -9.39 21.12
C ARG A 55 -5.46 -8.20 20.31
N PRO A 56 -5.83 -8.41 19.05
CA PRO A 56 -6.18 -7.25 18.21
C PRO A 56 -7.40 -6.49 18.71
N PHE A 57 -8.31 -7.14 19.44
CA PHE A 57 -9.48 -6.49 20.05
C PHE A 57 -9.11 -5.65 21.28
N GLN A 58 -7.82 -5.49 21.60
CA GLN A 58 -7.43 -4.85 22.86
C GLN A 58 -7.82 -3.37 22.91
N ASN A 59 -7.82 -2.68 21.77
CA ASN A 59 -8.24 -1.28 21.74
C ASN A 59 -8.78 -0.94 20.36
N GLN A 60 -9.30 0.28 20.24
CA GLN A 60 -10.07 0.66 19.06
C GLN A 60 -9.26 0.55 17.78
N THR A 61 -8.09 1.21 17.73
CA THR A 61 -7.39 1.34 16.45
C THR A 61 -6.80 0.00 15.99
N HIS A 62 -6.36 -0.85 16.93
CA HIS A 62 -5.92 -2.19 16.56
C HIS A 62 -7.07 -3.04 16.06
N ALA A 63 -8.25 -2.90 16.69
CA ALA A 63 -9.41 -3.73 16.33
C ALA A 63 -9.93 -3.39 14.94
N LYS A 64 -10.14 -2.10 14.67
CA LYS A 64 -10.58 -1.70 13.34
C LYS A 64 -9.60 -2.18 12.28
N ARG A 65 -8.30 -2.05 12.57
CA ARG A 65 -7.28 -2.43 11.61
C ARG A 65 -7.30 -3.94 11.34
N ALA A 66 -7.52 -4.76 12.37
CA ALA A 66 -7.57 -6.22 12.20
C ALA A 66 -8.83 -6.66 11.45
N TYR A 67 -10.00 -6.17 11.86
CA TYR A 67 -11.24 -6.48 11.17
C TYR A 67 -11.12 -6.18 9.68
N ARG A 68 -10.68 -4.97 9.34
CA ARG A 68 -10.50 -4.61 7.93
C ARG A 68 -9.60 -5.62 7.22
N GLU A 69 -8.47 -5.98 7.85
CA GLU A 69 -7.57 -6.94 7.22
C GLU A 69 -8.28 -8.26 6.93
N LEU A 70 -8.93 -8.85 7.94
CA LEU A 70 -9.58 -10.14 7.73
C LEU A 70 -10.64 -10.06 6.64
N VAL A 71 -11.51 -9.04 6.71
CA VAL A 71 -12.64 -9.00 5.79
C VAL A 71 -12.15 -8.88 4.36
N LEU A 72 -11.16 -8.00 4.14
CA LEU A 72 -10.71 -7.73 2.78
C LEU A 72 -9.79 -8.81 2.23
N MET A 73 -8.98 -9.46 3.08
CA MET A 73 -8.22 -10.61 2.57
C MET A 73 -9.15 -11.69 2.03
N LYS A 74 -10.35 -11.82 2.60
CA LYS A 74 -11.27 -12.83 2.09
C LYS A 74 -11.93 -12.42 0.77
N CYS A 75 -12.06 -11.12 0.50
CA CYS A 75 -12.73 -10.66 -0.72
C CYS A 75 -11.82 -10.65 -1.92
N VAL A 76 -10.56 -10.30 -1.72
CA VAL A 76 -9.71 -9.96 -2.84
C VAL A 76 -9.40 -11.21 -3.64
N ASN A 77 -9.23 -11.02 -4.94
CA ASN A 77 -8.96 -12.17 -5.78
C ASN A 77 -8.30 -11.61 -7.05
N HIS A 78 -6.97 -11.55 -7.05
CA HIS A 78 -6.31 -11.00 -8.22
C HIS A 78 -4.82 -11.33 -8.11
N LYS A 79 -4.19 -11.61 -9.27
CA LYS A 79 -2.79 -12.04 -9.28
C LYS A 79 -1.85 -11.00 -8.68
N ASN A 80 -2.26 -9.73 -8.62
CA ASN A 80 -1.41 -8.69 -8.06
C ASN A 80 -1.91 -8.20 -6.71
N ILE A 81 -2.72 -9.01 -6.04
CA ILE A 81 -3.06 -8.83 -4.63
C ILE A 81 -2.63 -10.09 -3.91
N ILE A 82 -1.96 -9.92 -2.76
CA ILE A 82 -1.50 -11.08 -2.02
C ILE A 82 -2.65 -12.02 -1.75
N GLY A 83 -2.40 -13.31 -1.93
CA GLY A 83 -3.46 -14.31 -1.89
C GLY A 83 -3.59 -14.90 -0.50
N LEU A 84 -4.83 -14.99 -0.02
CA LEU A 84 -5.10 -15.59 1.28
C LEU A 84 -5.11 -17.11 1.15
N LEU A 85 -4.59 -17.80 2.18
CA LEU A 85 -4.48 -19.26 2.20
C LEU A 85 -5.14 -19.89 3.41
N ASN A 86 -5.07 -19.28 4.58
CA ASN A 86 -5.67 -19.88 5.77
C ASN A 86 -5.78 -18.84 6.87
N VAL A 87 -6.80 -18.98 7.70
CA VAL A 87 -7.00 -18.14 8.87
C VAL A 87 -7.33 -19.07 10.03
N PHE A 88 -6.64 -18.89 11.15
CA PHE A 88 -6.91 -19.74 12.30
C PHE A 88 -6.50 -19.01 13.57
N THR A 89 -7.01 -19.51 14.70
CA THR A 89 -6.62 -19.10 16.03
C THR A 89 -6.40 -20.33 16.89
N PRO A 90 -5.37 -20.34 17.74
CA PRO A 90 -5.14 -21.54 18.59
C PRO A 90 -6.15 -21.71 19.72
N GLN A 91 -6.75 -20.63 20.22
CA GLN A 91 -7.73 -20.73 21.30
C GLN A 91 -9.04 -21.35 20.81
N LYS A 92 -9.70 -22.10 21.69
CA LYS A 92 -10.82 -22.94 21.29
C LYS A 92 -12.20 -22.31 21.52
N SER A 93 -12.28 -21.20 22.25
CA SER A 93 -13.57 -20.59 22.57
C SER A 93 -13.46 -19.07 22.47
N LEU A 94 -14.61 -18.40 22.62
CA LEU A 94 -14.61 -16.94 22.58
C LEU A 94 -13.94 -16.36 23.81
N GLU A 95 -14.19 -16.95 25.00
CA GLU A 95 -13.58 -16.39 26.20
C GLU A 95 -12.05 -16.45 26.13
N GLU A 96 -11.52 -17.57 25.63
CA GLU A 96 -10.08 -17.79 25.61
C GLU A 96 -9.39 -17.09 24.46
N PHE A 97 -10.14 -16.49 23.54
CA PHE A 97 -9.58 -15.97 22.29
C PHE A 97 -8.50 -14.91 22.53
N GLN A 98 -7.32 -15.11 21.95
CA GLN A 98 -6.26 -14.11 22.04
C GLN A 98 -5.69 -13.65 20.70
N ASP A 99 -5.29 -14.60 19.84
CA ASP A 99 -4.45 -14.31 18.69
C ASP A 99 -5.11 -14.83 17.42
N VAL A 100 -4.87 -14.11 16.33
CA VAL A 100 -5.31 -14.50 14.99
C VAL A 100 -4.06 -14.72 14.16
N TYR A 101 -4.09 -15.75 13.32
CA TYR A 101 -2.96 -16.04 12.44
C TYR A 101 -3.48 -16.05 11.00
N ILE A 102 -2.85 -15.25 10.14
CA ILE A 102 -3.18 -15.13 8.72
C ILE A 102 -2.07 -15.82 7.92
N VAL A 103 -2.45 -16.75 7.05
CA VAL A 103 -1.50 -17.48 6.21
C VAL A 103 -1.69 -17.07 4.75
N MET A 104 -0.60 -16.66 4.10
CA MET A 104 -0.61 -16.07 2.76
C MET A 104 0.46 -16.72 1.90
N GLU A 105 0.32 -16.59 0.58
CA GLU A 105 1.41 -17.01 -0.30
C GLU A 105 2.67 -16.19 0.02
N LEU A 106 3.83 -16.81 -0.16
CA LEU A 106 5.11 -16.21 0.25
C LEU A 106 5.77 -15.49 -0.93
N MET A 107 6.13 -14.23 -0.73
CA MET A 107 6.87 -13.47 -1.73
C MET A 107 8.31 -13.27 -1.28
N ASP A 108 9.18 -12.94 -2.22
CA ASP A 108 10.61 -12.98 -1.90
C ASP A 108 11.08 -11.75 -1.13
N ALA A 109 10.54 -10.57 -1.42
CA ALA A 109 11.03 -9.36 -0.76
C ALA A 109 9.99 -8.27 -0.88
N ASN A 110 10.06 -7.29 0.02
CA ASN A 110 9.25 -6.10 -0.21
C ASN A 110 10.01 -5.11 -1.09
N LEU A 111 9.30 -4.09 -1.57
CA LEU A 111 9.82 -3.19 -2.61
C LEU A 111 10.99 -2.31 -2.15
N CYS A 112 11.27 -2.22 -0.84
CA CYS A 112 12.39 -1.40 -0.38
C CYS A 112 13.72 -1.92 -0.94
N GLN A 113 13.81 -3.21 -1.22
CA GLN A 113 15.06 -3.74 -1.72
C GLN A 113 15.31 -3.28 -3.15
N VAL A 114 14.27 -3.33 -3.98
CA VAL A 114 14.36 -2.99 -5.39
C VAL A 114 14.70 -1.52 -5.59
N ILE A 115 14.27 -0.68 -4.65
CA ILE A 115 14.33 0.75 -4.86
C ILE A 115 15.76 1.27 -4.95
N GLN A 116 16.71 0.63 -4.24
CA GLN A 116 18.09 1.12 -4.27
C GLN A 116 18.81 0.78 -5.57
N MET A 117 18.37 -0.27 -6.28
CA MET A 117 19.05 -0.68 -7.50
C MET A 117 18.47 0.04 -8.72
N GLU A 118 19.23 0.03 -9.82
CA GLU A 118 18.83 0.71 -11.04
C GLU A 118 18.03 -0.25 -11.91
N LEU A 119 16.81 0.16 -12.24
CA LEU A 119 15.92 -0.65 -13.07
C LEU A 119 15.91 -0.09 -14.47
N ASP A 120 15.95 -0.99 -15.46
CA ASP A 120 15.78 -0.54 -16.83
C ASP A 120 14.31 -0.23 -17.08
N HIS A 121 14.00 0.24 -18.29
CA HIS A 121 12.64 0.72 -18.56
C HIS A 121 11.63 -0.41 -18.57
N GLU A 122 11.98 -1.54 -19.21
CA GLU A 122 11.05 -2.67 -19.23
C GLU A 122 10.62 -3.02 -17.81
N ARG A 123 11.58 -3.18 -16.90
CA ARG A 123 11.22 -3.66 -15.56
C ARG A 123 10.48 -2.59 -14.77
N MET A 124 10.88 -1.34 -14.91
CA MET A 124 10.22 -0.26 -14.18
C MET A 124 8.75 -0.16 -14.60
N SER A 125 8.49 -0.16 -15.92
CA SER A 125 7.11 0.01 -16.38
C SER A 125 6.28 -1.22 -16.07
N TYR A 126 6.87 -2.43 -16.18
CA TYR A 126 6.11 -3.65 -15.89
C TYR A 126 5.68 -3.69 -14.43
N LEU A 127 6.59 -3.32 -13.53
CA LEU A 127 6.25 -3.36 -12.10
C LEU A 127 5.14 -2.37 -11.76
N LEU A 128 5.19 -1.16 -12.33
CA LEU A 128 4.13 -0.19 -12.09
C LEU A 128 2.81 -0.70 -12.65
N TYR A 129 2.84 -1.22 -13.89
CA TYR A 129 1.64 -1.82 -14.46
C TYR A 129 1.01 -2.83 -13.51
N GLN A 130 1.80 -3.77 -13.00
CA GLN A 130 1.25 -4.74 -12.07
C GLN A 130 0.67 -4.04 -10.84
N MET A 131 1.40 -3.06 -10.32
CA MET A 131 0.94 -2.29 -9.16
C MET A 131 -0.37 -1.58 -9.47
N LEU A 132 -0.48 -0.97 -10.66
CA LEU A 132 -1.72 -0.28 -11.02
C LEU A 132 -2.86 -1.27 -11.19
N CYS A 133 -2.58 -2.46 -11.73
CA CYS A 133 -3.63 -3.48 -11.86
C CYS A 133 -4.14 -3.93 -10.49
N GLY A 134 -3.25 -4.03 -9.50
CA GLY A 134 -3.70 -4.37 -8.17
C GLY A 134 -4.65 -3.31 -7.63
N ILE A 135 -4.31 -2.04 -7.86
CA ILE A 135 -5.11 -0.94 -7.35
C ILE A 135 -6.46 -0.88 -8.06
N LYS A 136 -6.46 -0.99 -9.40
CA LYS A 136 -7.73 -0.97 -10.11
C LYS A 136 -8.66 -2.04 -9.56
N HIS A 137 -8.11 -3.22 -9.24
CA HIS A 137 -8.96 -4.28 -8.70
C HIS A 137 -9.61 -3.82 -7.40
N LEU A 138 -8.82 -3.21 -6.49
CA LEU A 138 -9.41 -2.68 -5.27
C LEU A 138 -10.42 -1.59 -5.56
N HIS A 139 -10.07 -0.70 -6.49
CA HIS A 139 -10.96 0.39 -6.81
C HIS A 139 -12.22 -0.10 -7.50
N SER A 140 -12.16 -1.23 -8.21
CA SER A 140 -13.35 -1.70 -8.93
C SER A 140 -14.46 -2.15 -7.99
N ALA A 141 -14.21 -2.28 -6.69
CA ALA A 141 -15.27 -2.48 -5.70
C ALA A 141 -15.35 -1.34 -4.69
N GLY A 142 -14.73 -0.19 -4.98
CA GLY A 142 -14.81 0.96 -4.08
C GLY A 142 -13.82 0.96 -2.94
N ILE A 143 -12.97 -0.07 -2.85
CA ILE A 143 -11.98 -0.14 -1.81
C ILE A 143 -10.85 0.84 -2.12
N ILE A 144 -10.57 1.73 -1.17
CA ILE A 144 -9.42 2.63 -1.24
C ILE A 144 -8.39 2.15 -0.23
N HIS A 145 -7.18 1.86 -0.71
CA HIS A 145 -6.15 1.27 0.15
C HIS A 145 -5.67 2.23 1.24
N ARG A 146 -5.37 3.48 0.88
CA ARG A 146 -4.89 4.57 1.74
C ARG A 146 -3.52 4.35 2.34
N ASP A 147 -2.84 3.23 2.08
CA ASP A 147 -1.57 2.98 2.76
C ASP A 147 -0.55 2.37 1.81
N LEU A 148 -0.58 2.75 0.53
CA LEU A 148 0.46 2.29 -0.38
C LEU A 148 1.79 2.97 -0.03
N LYS A 149 2.84 2.18 -0.05
CA LYS A 149 4.21 2.53 0.29
C LYS A 149 5.07 1.29 0.04
N PRO A 150 6.38 1.46 -0.19
CA PRO A 150 7.20 0.31 -0.60
C PRO A 150 7.22 -0.85 0.40
N SER A 151 7.08 -0.60 1.70
CA SER A 151 7.04 -1.72 2.63
C SER A 151 5.74 -2.52 2.52
N ASN A 152 4.78 -2.05 1.73
CA ASN A 152 3.50 -2.73 1.54
C ASN A 152 3.36 -3.34 0.15
N ILE A 153 4.43 -3.39 -0.63
CA ILE A 153 4.43 -4.05 -1.93
C ILE A 153 5.51 -5.11 -1.90
N VAL A 154 5.20 -6.31 -2.37
CA VAL A 154 6.21 -7.36 -2.36
C VAL A 154 6.42 -7.87 -3.77
N VAL A 155 7.60 -8.46 -4.00
CA VAL A 155 8.00 -8.89 -5.33
C VAL A 155 8.66 -10.26 -5.24
N LYS A 156 8.70 -10.96 -6.37
CA LYS A 156 9.41 -12.21 -6.51
C LYS A 156 10.49 -12.05 -7.56
N SER A 157 11.51 -12.90 -7.47
CA SER A 157 12.63 -12.81 -8.40
C SER A 157 12.24 -13.23 -9.82
N ASP A 158 11.01 -13.67 -10.04
CA ASP A 158 10.50 -13.84 -11.41
C ASP A 158 9.85 -12.57 -11.93
N CYS A 159 10.00 -11.47 -11.19
CA CYS A 159 9.50 -10.15 -11.56
C CYS A 159 7.99 -10.00 -11.40
N THR A 160 7.33 -10.78 -10.54
CA THR A 160 5.94 -10.51 -10.21
C THR A 160 5.86 -9.66 -8.95
N LEU A 161 4.72 -8.96 -8.79
CA LEU A 161 4.52 -7.97 -7.72
C LEU A 161 3.10 -8.10 -7.18
N LYS A 162 2.94 -7.94 -5.85
CA LYS A 162 1.63 -8.04 -5.21
C LYS A 162 1.51 -6.98 -4.12
N ILE A 163 0.28 -6.45 -3.92
CA ILE A 163 0.02 -5.49 -2.85
C ILE A 163 -0.48 -6.23 -1.62
N LEU A 164 -0.12 -5.74 -0.43
CA LEU A 164 -0.67 -6.32 0.79
C LEU A 164 -1.05 -5.23 1.80
N ASP A 165 -1.36 -5.67 3.01
CA ASP A 165 -1.71 -4.81 4.16
C ASP A 165 -2.93 -3.92 3.94
N PHE A 166 -4.14 -4.48 4.03
CA PHE A 166 -5.36 -3.70 3.91
C PHE A 166 -5.91 -3.20 5.24
N GLY A 167 -5.08 -3.09 6.28
CA GLY A 167 -5.58 -2.63 7.58
C GLY A 167 -6.11 -1.21 7.56
N LEU A 168 -5.63 -0.37 6.66
CA LEU A 168 -6.18 0.96 6.52
C LEU A 168 -7.23 1.07 5.42
N ALA A 169 -7.57 -0.01 4.72
CA ALA A 169 -8.41 0.15 3.56
C ALA A 169 -9.82 0.56 3.96
N ARG A 170 -10.46 1.35 3.09
CA ARG A 170 -11.76 1.93 3.33
C ARG A 170 -12.70 1.48 2.21
N THR A 171 -13.94 1.17 2.57
CA THR A 171 -14.93 0.85 1.56
C THR A 171 -15.57 2.14 1.02
N ALA A 172 -16.39 2.00 -0.02
CA ALA A 172 -16.97 3.19 -0.63
C ALA A 172 -18.01 3.84 0.29
N GLY A 173 -18.20 5.13 0.09
CA GLY A 173 -19.13 5.96 0.83
C GLY A 173 -18.91 7.42 0.55
N THR A 174 -19.96 8.22 0.77
CA THR A 174 -19.91 9.65 0.51
C THR A 174 -19.68 10.44 1.80
N SER A 175 -19.30 9.77 2.87
CA SER A 175 -19.01 10.41 4.13
C SER A 175 -17.51 10.52 4.32
N PHE A 176 -17.10 11.61 4.96
CA PHE A 176 -15.70 11.82 5.25
C PHE A 176 -15.23 10.80 6.27
N MET A 177 -14.06 10.23 6.01
CA MET A 177 -13.40 9.33 6.95
C MET A 177 -11.99 9.80 7.19
N MET A 178 -11.69 10.12 8.44
CA MET A 178 -10.32 10.49 8.80
C MET A 178 -9.40 9.30 8.59
N THR A 179 -8.27 9.52 7.93
CA THR A 179 -7.29 8.46 7.76
C THR A 179 -6.59 8.13 9.08
N PRO A 180 -6.51 6.85 9.48
CA PRO A 180 -5.85 6.51 10.75
C PRO A 180 -4.39 6.92 10.75
N TYR A 181 -3.90 7.22 11.96
CA TYR A 181 -2.48 7.47 12.16
C TYR A 181 -1.66 6.29 11.65
N VAL A 182 -0.47 6.58 11.10
CA VAL A 182 0.48 5.57 10.68
C VAL A 182 1.88 6.14 10.83
N VAL A 183 2.87 5.23 10.98
CA VAL A 183 4.26 5.68 11.25
C VAL A 183 4.91 6.25 9.99
N THR A 184 4.88 5.51 8.89
CA THR A 184 5.47 5.96 7.62
C THR A 184 4.41 6.76 6.85
N ARG A 185 4.51 8.09 6.91
CA ARG A 185 3.53 8.98 6.30
C ARG A 185 4.00 9.61 4.99
N TYR A 186 5.19 9.28 4.51
CA TYR A 186 5.79 9.99 3.38
C TYR A 186 5.01 9.85 2.08
N TYR A 187 4.04 8.93 2.02
CA TYR A 187 3.35 8.59 0.78
C TYR A 187 1.90 9.07 0.76
N ARG A 188 1.45 9.75 1.83
CA ARG A 188 0.11 10.34 1.91
C ARG A 188 -0.04 11.50 0.92
N ALA A 189 -1.19 11.55 0.27
CA ALA A 189 -1.53 12.65 -0.64
C ALA A 189 -1.83 13.93 0.13
N PRO A 190 -1.69 15.09 -0.53
CA PRO A 190 -1.99 16.36 0.13
C PRO A 190 -3.37 16.41 0.77
N GLU A 191 -4.38 15.84 0.12
CA GLU A 191 -5.72 15.90 0.68
C GLU A 191 -5.78 15.20 2.03
N VAL A 192 -5.00 14.12 2.18
CA VAL A 192 -4.93 13.41 3.46
C VAL A 192 -4.17 14.24 4.48
N ILE A 193 -3.03 14.81 4.08
CA ILE A 193 -2.24 15.64 4.99
C ILE A 193 -3.06 16.81 5.51
N LEU A 194 -3.76 17.47 4.62
CA LEU A 194 -4.47 18.69 4.93
C LEU A 194 -5.86 18.44 5.53
N GLY A 195 -6.29 17.18 5.60
CA GLY A 195 -7.55 16.87 6.23
C GLY A 195 -8.76 17.18 5.38
N MET A 196 -8.64 17.05 4.06
CA MET A 196 -9.76 17.23 3.15
C MET A 196 -10.38 15.90 2.76
N GLY A 197 -11.62 15.96 2.29
CA GLY A 197 -12.21 14.80 1.64
C GLY A 197 -11.41 14.38 0.43
N TYR A 198 -11.57 13.13 0.04
CA TYR A 198 -10.68 12.57 -0.97
C TYR A 198 -11.36 11.39 -1.65
N LYS A 199 -10.97 11.13 -2.89
CA LYS A 199 -11.43 10.01 -3.70
C LYS A 199 -10.36 8.92 -3.75
N GLU A 200 -10.55 7.94 -4.64
CA GLU A 200 -9.59 6.85 -4.73
C GLU A 200 -8.23 7.26 -5.30
N ASN A 201 -8.12 8.38 -6.00
CA ASN A 201 -6.78 8.64 -6.53
C ASN A 201 -5.87 9.30 -5.50
N VAL A 202 -6.21 9.24 -4.21
CA VAL A 202 -5.14 9.37 -3.22
C VAL A 202 -4.13 8.25 -3.44
N ASP A 203 -4.61 7.07 -3.85
CA ASP A 203 -3.70 5.94 -4.08
C ASP A 203 -2.77 6.23 -5.25
N LEU A 204 -3.26 6.97 -6.24
CA LEU A 204 -2.39 7.32 -7.36
C LEU A 204 -1.27 8.24 -6.93
N TRP A 205 -1.54 9.20 -6.05
CA TRP A 205 -0.45 10.01 -5.52
C TRP A 205 0.63 9.12 -4.89
N SER A 206 0.23 8.04 -4.21
CA SER A 206 1.19 7.16 -3.57
C SER A 206 2.01 6.40 -4.62
N VAL A 207 1.35 5.94 -5.68
CA VAL A 207 2.11 5.37 -6.79
C VAL A 207 3.10 6.41 -7.32
N GLY A 208 2.70 7.67 -7.38
CA GLY A 208 3.64 8.71 -7.82
C GLY A 208 4.90 8.74 -6.97
N CYS A 209 4.75 8.74 -5.63
CA CYS A 209 5.93 8.75 -4.77
C CYS A 209 6.79 7.53 -5.01
N ILE A 210 6.16 6.35 -5.11
CA ILE A 210 6.91 5.12 -5.32
C ILE A 210 7.69 5.16 -6.63
N MET A 211 7.04 5.61 -7.72
CA MET A 211 7.77 5.72 -8.98
C MET A 211 8.91 6.71 -8.92
N GLY A 212 8.69 7.88 -8.32
CA GLY A 212 9.80 8.81 -8.15
C GLY A 212 10.95 8.19 -7.38
N GLU A 213 10.64 7.42 -6.33
CA GLU A 213 11.68 6.76 -5.54
C GLU A 213 12.46 5.72 -6.36
N MET A 214 11.75 4.89 -7.15
CA MET A 214 12.45 3.91 -7.99
C MET A 214 13.40 4.58 -8.98
N VAL A 215 13.21 5.87 -9.25
CA VAL A 215 14.05 6.61 -10.19
C VAL A 215 15.14 7.40 -9.45
N CYS A 216 14.76 8.08 -8.36
CA CYS A 216 15.71 8.81 -7.53
C CYS A 216 16.56 7.88 -6.68
N HIS A 217 16.02 6.72 -6.30
CA HIS A 217 16.59 5.90 -5.22
C HIS A 217 16.64 6.70 -3.92
N LYS A 218 15.60 7.49 -3.69
CA LYS A 218 15.51 8.37 -2.53
C LYS A 218 14.06 8.79 -2.37
N ILE A 219 13.63 8.91 -1.10
CA ILE A 219 12.26 9.31 -0.78
C ILE A 219 12.02 10.73 -1.23
N LEU A 220 10.90 10.96 -1.94
CA LEU A 220 10.61 12.27 -2.51
C LEU A 220 10.31 13.31 -1.45
N PHE A 221 9.47 12.97 -0.47
CA PHE A 221 8.92 13.95 0.46
C PHE A 221 9.11 13.47 1.90
N PRO A 222 10.35 13.40 2.36
CA PRO A 222 10.61 12.89 3.72
C PRO A 222 10.24 13.93 4.77
N GLY A 223 9.38 13.54 5.71
CA GLY A 223 9.00 14.46 6.76
C GLY A 223 8.93 13.86 8.15
N ARG A 224 9.66 14.46 9.09
CA ARG A 224 9.47 14.15 10.50
C ARG A 224 8.02 14.41 10.91
N ASP A 225 7.42 15.45 10.35
CA ASP A 225 6.18 16.02 10.81
C ASP A 225 5.30 16.21 9.58
N TYR A 226 4.02 16.51 9.81
CA TYR A 226 3.16 16.87 8.70
C TYR A 226 3.52 18.24 8.15
N ILE A 227 3.82 19.21 9.02
CA ILE A 227 4.17 20.54 8.51
C ILE A 227 5.50 20.46 7.77
N ASP A 228 6.42 19.63 8.28
CA ASP A 228 7.64 19.34 7.53
C ASP A 228 7.31 18.76 6.15
N GLN A 229 6.38 17.80 6.11
CA GLN A 229 6.13 17.09 4.86
C GLN A 229 5.52 18.01 3.81
N TRP A 230 4.51 18.80 4.21
CA TRP A 230 3.94 19.77 3.28
C TRP A 230 5.01 20.68 2.71
N ASN A 231 5.97 21.11 3.54
CA ASN A 231 7.00 22.02 3.05
C ASN A 231 7.85 21.37 1.96
N LYS A 232 8.18 20.09 2.14
CA LYS A 232 8.91 19.38 1.08
C LYS A 232 8.08 19.34 -0.21
N VAL A 233 6.77 19.17 -0.11
CA VAL A 233 5.94 19.10 -1.32
C VAL A 233 5.96 20.43 -2.06
N ILE A 234 5.70 21.53 -1.36
CA ILE A 234 5.62 22.80 -2.05
C ILE A 234 6.98 23.24 -2.55
N GLU A 235 8.05 22.90 -1.83
CA GLU A 235 9.39 23.24 -2.30
C GLU A 235 9.64 22.64 -3.69
N GLN A 236 9.25 21.39 -3.88
CA GLN A 236 9.60 20.64 -5.07
C GLN A 236 8.60 20.82 -6.20
N LEU A 237 7.30 20.89 -5.86
CA LEU A 237 6.23 21.03 -6.85
C LEU A 237 5.68 22.44 -6.96
N GLY A 238 5.75 23.23 -5.90
CA GLY A 238 5.32 24.62 -5.99
C GLY A 238 4.04 24.86 -5.22
N THR A 239 3.86 26.10 -4.76
CA THR A 239 2.64 26.51 -4.09
C THR A 239 1.45 26.27 -5.03
N PRO A 240 0.37 25.67 -4.57
CA PRO A 240 -0.73 25.31 -5.46
C PRO A 240 -1.61 26.52 -5.77
N CYS A 241 -2.47 26.35 -6.79
CA CYS A 241 -3.25 27.46 -7.33
C CYS A 241 -4.26 27.96 -6.29
N PRO A 242 -4.65 29.24 -6.37
CA PRO A 242 -5.60 29.78 -5.38
C PRO A 242 -6.96 29.08 -5.37
N GLU A 243 -7.38 28.46 -6.47
CA GLU A 243 -8.62 27.69 -6.41
C GLU A 243 -8.47 26.49 -5.49
N PHE A 244 -7.31 25.84 -5.51
CA PHE A 244 -7.08 24.77 -4.56
C PHE A 244 -7.10 25.27 -3.12
N MET A 245 -6.77 26.55 -2.90
CA MET A 245 -6.75 27.09 -1.54
C MET A 245 -8.16 27.27 -0.96
N LYS A 246 -9.16 27.52 -1.81
CA LYS A 246 -10.54 27.71 -1.35
C LYS A 246 -11.06 26.48 -0.60
N LYS A 247 -10.71 25.29 -1.08
CA LYS A 247 -11.26 24.06 -0.53
C LYS A 247 -10.84 23.82 0.92
N LEU A 248 -9.81 24.50 1.39
CA LEU A 248 -9.31 24.30 2.74
C LEU A 248 -10.21 24.93 3.80
N GLN A 249 -10.23 24.30 4.98
CA GLN A 249 -10.86 24.89 6.14
C GLN A 249 -10.09 26.14 6.56
N PRO A 250 -10.78 27.16 7.13
CA PRO A 250 -10.10 28.43 7.51
C PRO A 250 -8.72 28.34 8.15
N THR A 251 -8.56 27.64 9.29
CA THR A 251 -7.26 27.67 9.99
C THR A 251 -6.18 26.95 9.18
N VAL A 252 -6.49 25.78 8.63
CA VAL A 252 -5.56 25.14 7.70
C VAL A 252 -5.30 26.07 6.52
N ARG A 253 -6.33 26.76 6.06
CA ARG A 253 -6.20 27.69 4.93
C ARG A 253 -5.23 28.83 5.25
N THR A 254 -5.37 29.46 6.43
CA THR A 254 -4.49 30.57 6.75
C THR A 254 -3.03 30.13 6.80
N TYR A 255 -2.76 28.94 7.34
CA TYR A 255 -1.38 28.51 7.48
C TYR A 255 -0.75 28.16 6.13
N VAL A 256 -1.54 27.59 5.22
CA VAL A 256 -1.04 27.21 3.90
C VAL A 256 -0.80 28.45 3.03
N GLU A 257 -1.66 29.47 3.15
CA GLU A 257 -1.47 30.70 2.39
C GLU A 257 -0.37 31.59 2.94
N ASN A 258 0.02 31.40 4.21
CA ASN A 258 1.07 32.16 4.87
C ASN A 258 2.45 31.54 4.67
N ARG A 259 2.52 30.36 4.06
CA ARG A 259 3.81 29.77 3.75
C ARG A 259 4.52 30.62 2.70
N PRO A 260 5.85 30.59 2.68
CA PRO A 260 6.57 31.22 1.57
C PRO A 260 6.14 30.60 0.25
N LYS A 261 5.84 31.46 -0.72
CA LYS A 261 5.37 31.00 -2.03
C LYS A 261 6.56 30.44 -2.82
N TYR A 262 6.72 29.13 -2.82
CA TYR A 262 7.70 28.48 -3.68
C TYR A 262 7.15 28.31 -5.09
N ALA A 263 8.06 28.21 -6.06
CA ALA A 263 7.70 28.11 -7.46
C ALA A 263 7.63 26.69 -7.98
N GLY A 264 8.38 25.77 -7.37
CA GLY A 264 8.42 24.40 -7.86
C GLY A 264 9.42 24.30 -8.98
N TYR A 265 9.96 23.12 -9.19
CA TYR A 265 10.88 22.93 -10.31
C TYR A 265 10.17 22.17 -11.43
N SER A 266 10.78 22.25 -12.61
CA SER A 266 10.34 21.44 -13.72
C SER A 266 10.45 19.96 -13.37
N PHE A 267 9.79 19.12 -14.17
CA PHE A 267 9.95 17.68 -13.98
C PHE A 267 11.20 17.14 -14.67
N GLU A 268 11.75 17.90 -15.60
CA GLU A 268 13.10 17.64 -16.10
C GLU A 268 14.12 17.93 -15.02
N LYS A 269 13.96 19.08 -14.35
CA LYS A 269 14.85 19.44 -13.25
C LYS A 269 14.66 18.49 -12.06
N LEU A 270 13.52 17.82 -11.95
CA LEU A 270 13.29 16.93 -10.82
C LEU A 270 13.66 15.48 -11.12
N PHE A 271 13.73 15.10 -12.40
CA PHE A 271 14.05 13.73 -12.82
C PHE A 271 14.82 13.76 -14.14
N PRO A 272 16.06 14.23 -14.13
CA PRO A 272 16.82 14.36 -15.39
C PRO A 272 17.22 13.00 -15.97
N ASP A 273 17.59 13.04 -17.25
CA ASP A 273 17.91 11.81 -17.99
C ASP A 273 18.96 10.97 -17.28
N VAL A 274 19.82 11.59 -16.47
CA VAL A 274 20.92 10.86 -15.83
C VAL A 274 20.41 9.76 -14.92
N LEU A 275 19.32 10.04 -14.19
CA LEU A 275 18.80 9.02 -13.28
C LEU A 275 18.11 7.88 -14.02
N PHE A 276 17.68 8.12 -15.31
CA PHE A 276 17.03 7.11 -16.13
C PHE A 276 18.04 6.27 -16.88
N PRO A 277 17.74 5.00 -17.11
CA PRO A 277 18.67 4.15 -17.83
C PRO A 277 18.76 4.56 -19.27
N ALA A 278 19.67 3.91 -19.98
CA ALA A 278 19.80 4.07 -21.42
C ALA A 278 18.43 4.05 -22.08
N ASP A 279 18.22 5.02 -22.97
CA ASP A 279 16.90 5.20 -23.57
C ASP A 279 16.64 4.09 -24.59
N SER A 280 15.52 3.38 -24.42
CA SER A 280 15.18 2.27 -25.29
C SER A 280 14.98 2.74 -26.74
N GLU A 281 15.07 1.80 -27.66
CA GLU A 281 14.64 2.05 -29.03
C GLU A 281 13.13 1.94 -29.18
N HIS A 282 12.46 1.33 -28.19
CA HIS A 282 11.01 1.29 -28.17
C HIS A 282 10.41 2.69 -28.02
N ASN A 283 9.50 3.05 -28.94
CA ASN A 283 8.97 4.40 -29.07
C ASN A 283 8.10 4.85 -27.90
N LYS A 284 7.84 3.97 -26.92
CA LYS A 284 7.02 4.31 -25.77
C LYS A 284 7.79 4.29 -24.45
N LEU A 285 8.82 3.44 -24.33
CA LEU A 285 9.59 3.31 -23.08
C LEU A 285 10.78 4.28 -23.07
N LYS A 286 10.45 5.57 -23.13
CA LYS A 286 11.38 6.70 -23.10
C LYS A 286 11.53 7.22 -21.66
N ALA A 287 12.66 7.90 -21.41
CA ALA A 287 12.75 8.69 -20.19
C ALA A 287 11.68 9.79 -20.18
N SER A 288 11.45 10.42 -21.35
CA SER A 288 10.46 11.50 -21.48
C SER A 288 9.04 11.05 -21.22
N GLN A 289 8.75 9.76 -21.38
CA GLN A 289 7.41 9.24 -21.08
C GLN A 289 7.26 8.92 -19.62
N ALA A 290 8.28 8.31 -19.00
CA ALA A 290 8.15 8.05 -17.56
C ALA A 290 7.97 9.36 -16.82
N ARG A 291 8.72 10.39 -17.25
CA ARG A 291 8.63 11.72 -16.66
C ARG A 291 7.24 12.32 -16.83
N ASP A 292 6.69 12.21 -18.04
CA ASP A 292 5.34 12.68 -18.32
C ASP A 292 4.33 12.04 -17.35
N LEU A 293 4.44 10.72 -17.14
CA LEU A 293 3.55 10.03 -16.21
C LEU A 293 3.76 10.51 -14.77
N LEU A 294 5.01 10.83 -14.41
CA LEU A 294 5.24 11.35 -13.08
C LEU A 294 4.54 12.70 -12.90
N SER A 295 4.67 13.58 -13.90
CA SER A 295 4.11 14.92 -13.80
C SER A 295 2.58 14.92 -13.77
N LYS A 296 1.94 13.80 -14.09
CA LYS A 296 0.49 13.64 -13.99
C LYS A 296 0.04 12.88 -12.75
N MET A 297 0.97 12.22 -12.06
CA MET A 297 0.61 11.58 -10.79
C MET A 297 0.95 12.46 -9.61
N LEU A 298 2.10 13.10 -9.67
CA LEU A 298 2.58 13.99 -8.61
C LEU A 298 1.98 15.37 -8.82
N VAL A 299 0.66 15.42 -8.71
CA VAL A 299 -0.11 16.65 -8.88
C VAL A 299 -0.83 16.92 -7.57
N ILE A 300 -0.63 18.13 -7.02
CA ILE A 300 -1.13 18.41 -5.68
C ILE A 300 -2.66 18.38 -5.64
N ASP A 301 -3.32 18.95 -6.64
CA ASP A 301 -4.77 19.10 -6.64
C ASP A 301 -5.41 17.87 -7.27
N ALA A 302 -6.04 17.02 -6.44
CA ALA A 302 -6.56 15.72 -6.90
C ALA A 302 -7.55 15.84 -8.06
N SER A 303 -8.30 16.94 -8.13
CA SER A 303 -9.21 17.05 -9.26
C SER A 303 -8.48 17.24 -10.58
N LYS A 304 -7.18 17.55 -10.53
CA LYS A 304 -6.34 17.66 -11.70
C LYS A 304 -5.50 16.42 -11.90
N ARG A 305 -5.56 15.49 -10.96
CA ARG A 305 -4.66 14.34 -10.95
C ARG A 305 -5.26 13.20 -11.77
N ILE A 306 -4.39 12.51 -12.51
CA ILE A 306 -4.78 11.37 -13.32
C ILE A 306 -5.38 10.27 -12.44
N SER A 307 -6.27 9.47 -13.04
CA SER A 307 -6.89 8.34 -12.35
C SER A 307 -6.12 7.05 -12.63
N VAL A 308 -6.46 6.00 -11.88
CA VAL A 308 -5.82 4.71 -12.11
C VAL A 308 -6.06 4.22 -13.53
N ASP A 309 -7.28 4.41 -14.03
CA ASP A 309 -7.63 3.93 -15.37
C ASP A 309 -6.89 4.69 -16.44
N GLU A 310 -6.86 6.02 -16.35
CA GLU A 310 -6.07 6.76 -17.34
C GLU A 310 -4.61 6.39 -17.23
N ALA A 311 -4.15 6.09 -16.01
CA ALA A 311 -2.76 5.72 -15.85
C ALA A 311 -2.44 4.46 -16.64
N LEU A 312 -3.35 3.46 -16.61
CA LEU A 312 -3.14 2.23 -17.36
C LEU A 312 -3.17 2.45 -18.87
N GLN A 313 -3.75 3.55 -19.33
CA GLN A 313 -3.75 3.84 -20.74
C GLN A 313 -2.55 4.67 -21.19
N HIS A 314 -1.70 5.07 -20.25
CA HIS A 314 -0.55 5.91 -20.56
C HIS A 314 0.51 5.11 -21.32
N PRO A 315 1.12 5.69 -22.36
CA PRO A 315 2.00 4.90 -23.23
C PRO A 315 3.19 4.27 -22.53
N TYR A 316 3.71 4.87 -21.45
CA TYR A 316 4.80 4.23 -20.73
C TYR A 316 4.38 2.91 -20.12
N ILE A 317 3.10 2.79 -19.77
CA ILE A 317 2.54 1.62 -19.10
C ILE A 317 1.81 0.73 -20.10
N ASN A 318 1.24 1.34 -21.15
CA ASN A 318 0.24 0.68 -21.96
C ASN A 318 0.77 -0.51 -22.76
N VAL A 319 2.10 -0.64 -22.92
CA VAL A 319 2.68 -1.70 -23.73
C VAL A 319 2.37 -3.10 -23.19
N TRP A 320 2.10 -3.21 -21.89
CA TRP A 320 1.83 -4.50 -21.25
C TRP A 320 0.35 -4.80 -21.09
N TYR A 321 -0.54 -4.00 -21.70
CA TYR A 321 -1.96 -4.04 -21.32
C TYR A 321 -2.63 -5.32 -21.77
N ASP A 322 -3.33 -5.98 -20.85
CA ASP A 322 -4.10 -7.19 -21.05
C ASP A 322 -5.42 -7.09 -20.28
N PRO A 323 -6.57 -7.17 -20.95
CA PRO A 323 -7.83 -7.06 -20.20
C PRO A 323 -7.98 -8.10 -19.11
N SER A 324 -7.36 -9.27 -19.25
CA SER A 324 -7.54 -10.27 -18.20
C SER A 324 -6.93 -9.79 -16.90
N GLU A 325 -5.98 -8.85 -16.97
CA GLU A 325 -5.36 -8.25 -15.80
C GLU A 325 -5.94 -6.88 -15.42
N ALA A 326 -6.15 -5.99 -16.38
CA ALA A 326 -6.62 -4.66 -16.03
C ALA A 326 -8.14 -4.51 -16.05
N GLU A 327 -8.88 -5.53 -16.48
CA GLU A 327 -10.34 -5.48 -16.54
C GLU A 327 -10.93 -6.73 -15.94
N ALA A 328 -10.33 -7.17 -14.84
CA ALA A 328 -10.60 -8.45 -14.23
C ALA A 328 -11.84 -8.35 -13.34
N PRO A 329 -12.42 -9.48 -12.93
CA PRO A 329 -13.62 -9.44 -12.09
C PRO A 329 -13.31 -8.81 -10.75
N PRO A 330 -14.24 -8.05 -10.19
CA PRO A 330 -13.96 -7.29 -8.96
C PRO A 330 -13.95 -8.22 -7.76
N PRO A 331 -13.49 -7.75 -6.60
CA PRO A 331 -13.72 -8.50 -5.35
C PRO A 331 -15.18 -8.40 -4.96
N LYS A 332 -15.66 -9.37 -4.19
CA LYS A 332 -17.08 -9.34 -3.79
C LYS A 332 -17.15 -8.81 -2.37
N ILE A 333 -17.55 -7.54 -2.23
CA ILE A 333 -17.59 -6.88 -0.93
C ILE A 333 -18.90 -7.20 -0.24
N PRO A 334 -18.85 -7.92 0.89
CA PRO A 334 -20.09 -8.38 1.53
C PRO A 334 -20.84 -7.26 2.23
N ASP A 335 -21.93 -7.61 2.92
CA ASP A 335 -22.73 -6.63 3.64
C ASP A 335 -22.05 -6.34 4.98
N LYS A 336 -20.88 -5.72 4.88
CA LYS A 336 -20.10 -5.28 6.03
C LYS A 336 -19.52 -3.90 5.71
N GLN A 337 -19.65 -2.96 6.64
CA GLN A 337 -19.17 -1.61 6.42
C GLN A 337 -17.85 -1.42 7.15
N LEU A 338 -16.78 -1.13 6.40
CA LEU A 338 -15.49 -0.79 7.00
C LEU A 338 -15.43 0.72 7.13
N ASP A 339 -16.22 1.22 8.07
CA ASP A 339 -16.56 2.63 8.04
C ASP A 339 -16.17 3.34 9.33
N GLU A 340 -15.10 2.88 9.97
CA GLU A 340 -14.51 3.57 11.11
C GLU A 340 -15.52 3.85 12.22
N ARG A 341 -16.61 3.08 12.25
CA ARG A 341 -17.49 3.14 13.41
C ARG A 341 -16.76 2.61 14.63
N GLU A 342 -17.33 2.85 15.80
CA GLU A 342 -16.77 2.37 17.05
C GLU A 342 -17.71 1.36 17.69
N HIS A 343 -17.13 0.24 18.12
CA HIS A 343 -17.74 -0.70 19.05
C HIS A 343 -16.78 -0.85 20.23
N THR A 344 -17.26 -1.45 21.33
CA THR A 344 -16.39 -1.56 22.50
C THR A 344 -15.47 -2.78 22.39
N ILE A 345 -14.60 -2.93 23.40
CA ILE A 345 -13.65 -4.04 23.42
C ILE A 345 -14.40 -5.37 23.33
N GLU A 346 -15.46 -5.51 24.13
CA GLU A 346 -16.24 -6.75 24.16
C GLU A 346 -16.82 -7.07 22.78
N GLU A 347 -17.25 -6.04 22.05
CA GLU A 347 -17.95 -6.26 20.79
C GLU A 347 -17.00 -6.57 19.64
N TRP A 348 -15.90 -5.81 19.55
CA TRP A 348 -14.84 -6.10 18.58
C TRP A 348 -14.36 -7.54 18.70
N LYS A 349 -14.27 -8.04 19.93
CA LYS A 349 -13.82 -9.40 20.13
C LYS A 349 -14.71 -10.39 19.40
N GLU A 350 -16.03 -10.22 19.53
CA GLU A 350 -16.95 -11.10 18.81
C GLU A 350 -16.82 -10.92 17.31
N LEU A 351 -16.78 -9.67 16.83
CA LEU A 351 -16.70 -9.43 15.39
C LEU A 351 -15.49 -10.12 14.79
N ILE A 352 -14.35 -10.01 15.46
CA ILE A 352 -13.11 -10.59 14.94
C ILE A 352 -13.14 -12.12 15.05
N TYR A 353 -13.73 -12.65 16.12
CA TYR A 353 -13.80 -14.10 16.28
C TYR A 353 -14.68 -14.74 15.23
N LYS A 354 -15.85 -14.13 14.96
CA LYS A 354 -16.75 -14.67 13.95
C LYS A 354 -16.08 -14.71 12.57
N GLU A 355 -15.32 -13.64 12.23
CA GLU A 355 -14.64 -13.62 10.93
C GLU A 355 -13.64 -14.75 10.82
N VAL A 356 -12.93 -15.06 11.91
CA VAL A 356 -11.97 -16.15 11.86
C VAL A 356 -12.67 -17.49 11.68
N MET A 357 -13.83 -17.68 12.33
CA MET A 357 -14.48 -18.98 12.34
C MET A 357 -15.42 -19.22 11.18
N ASP A 358 -15.94 -18.18 10.53
CA ASP A 358 -16.97 -18.38 9.51
C ASP A 358 -16.37 -18.68 8.14
N LEU A 359 -15.61 -17.73 7.59
CA LEU A 359 -15.03 -17.90 6.25
C LEU A 359 -13.51 -17.85 6.29
N ARG B 1 5.17 -5.75 -29.96
CA ARG B 1 4.98 -5.79 -28.51
C ARG B 1 6.17 -6.49 -27.85
N PRO B 2 6.81 -5.81 -26.89
CA PRO B 2 8.00 -6.38 -26.25
C PRO B 2 7.65 -7.47 -25.23
N LYS B 3 8.53 -8.46 -25.14
CA LYS B 3 8.34 -9.57 -24.22
C LYS B 3 8.42 -9.08 -22.77
N ARG B 4 7.51 -9.56 -21.95
CA ARG B 4 7.53 -9.17 -20.55
C ARG B 4 8.77 -9.73 -19.86
N PRO B 5 9.36 -8.98 -18.94
CA PRO B 5 10.50 -9.51 -18.18
C PRO B 5 10.07 -10.69 -17.32
N THR B 6 10.97 -11.69 -17.22
CA THR B 6 10.74 -12.86 -16.38
C THR B 6 11.69 -12.94 -15.19
N THR B 7 12.73 -12.13 -15.13
CA THR B 7 13.68 -12.21 -14.03
C THR B 7 13.86 -10.82 -13.43
N LEU B 8 13.96 -10.76 -12.09
CA LEU B 8 14.21 -9.51 -11.37
C LEU B 8 15.15 -9.80 -10.21
N ASN B 9 16.31 -9.15 -10.18
CA ASN B 9 17.33 -9.42 -9.17
C ASN B 9 17.08 -8.60 -7.92
N LEU B 10 17.02 -9.28 -6.79
CA LEU B 10 16.64 -8.63 -5.55
C LEU B 10 17.83 -8.23 -4.69
N PHE B 11 19.05 -8.57 -5.09
CA PHE B 11 20.20 -8.22 -4.27
C PHE B 11 21.25 -7.58 -5.16
N PRO B 12 21.93 -6.55 -4.68
CA PRO B 12 22.82 -5.78 -5.56
C PRO B 12 24.08 -6.56 -5.90
N GLN B 13 24.70 -6.12 -7.00
CA GLN B 13 26.08 -6.49 -7.33
C GLN B 13 26.98 -5.27 -7.42
N VAL B 14 26.55 -4.23 -8.14
CA VAL B 14 27.29 -2.97 -8.35
C VAL B 14 28.66 -3.22 -8.99
N SER B 30 -0.27 9.90 17.06
CA SER B 30 -0.42 11.15 17.79
C SER B 30 -0.95 12.28 16.89
N ILE B 31 -0.48 12.29 15.63
CA ILE B 31 -0.82 13.33 14.65
C ILE B 31 -1.30 12.65 13.37
N CYS B 32 -2.52 12.99 12.92
CA CYS B 32 -3.13 12.49 11.68
C CYS B 32 -3.11 13.49 10.53
N LEU B 33 -3.25 14.80 10.82
CA LEU B 33 -3.27 15.84 9.79
C LEU B 33 -2.47 17.04 10.29
N SER B 34 -2.15 17.97 9.35
CA SER B 34 -1.34 19.17 9.64
C SER B 34 -2.08 20.18 10.44
N ASP B 35 -3.27 19.84 10.96
CA ASP B 35 -4.10 20.75 11.75
C ASP B 35 -3.98 20.50 13.26
N GLU B 36 -3.42 19.37 13.68
CA GLU B 36 -3.24 19.11 15.11
C GLU B 36 -1.95 19.70 15.70
N LEU B 37 -1.02 20.17 14.85
CA LEU B 37 0.19 20.87 15.27
C LEU B 37 0.04 22.38 15.53
N PRO B 38 -0.66 23.18 14.66
CA PRO B 38 -0.79 24.63 14.90
C PRO B 38 -1.37 25.07 16.27
#